data_1VJ5
#
_entry.id   1VJ5
#
_cell.length_a   93.510
_cell.length_b   93.510
_cell.length_c   245.700
_cell.angle_alpha   90.00
_cell.angle_beta   90.00
_cell.angle_gamma   120.00
#
_symmetry.space_group_name_H-M   'P 65 2 2'
#
loop_
_entity.id
_entity.type
_entity.pdbx_description
1 polymer 'epoxide hydrolase 2, cytoplasmic'
2 non-polymer 'MAGNESIUM ION'
3 non-polymer 'PHOSPHATE ION'
4 non-polymer 'HEXAETHYLENE GLYCOL'
5 non-polymer "N-CYCLOHEXYL-N'-(4-IODOPHENYL)UREA"
6 water water
#
_entity_poly.entity_id   1
_entity_poly.type   'polypeptide(L)'
_entity_poly.pdbx_seq_one_letter_code
;MTLRAAVFDLDGVLALPAVFGVLGRTEEALALPRGLLNDAFQKGGPEGATTRLMKGEITLSQWIPLMEENCRKCSETAKV
CLPKNFSIKEIFDKAISARKINRPMLQAALMLRKKGFTTAILTNTWLDDRAERDGLAQLMCELKMHFDFLIESCQVGMVK
PEPQIYKFLLDTLKASPSEVVFLDDIGANLKPARDLGMVTILVQDTDTALKELEKVTGIQLLNTPAPLPTSCNPSDMSHG
YVTVKPRVRLHFVELGSGPAVCLCHGFPESWYSWRYQIPALAQAGYRVLAMDMKGYGESSAPPEIEEYCMEVLCKEMVTF
LDKLGLSQAVFIGHDWGGMLVWYMALFYPERVRAVASLNTPFIPANPNMSPLESIKANPVFDYQLYFQEPGVAEAELEQN
LSRTFKSLFRASDESVLSMHKVCEAGGLFVNSPEEPSLSRMVTEEEIQFYVQQFKKSGFRGPLNWYRNMERNWKWACKSL
GRKILIPALMVTAEKDFVLVPQMSQHMEDWIPHLKRGHIEDCGHWTQMDKPTEVNQILIKWLDSDARNPPVVSKM
;
_entity_poly.pdbx_strand_id   A
#
loop_
_chem_comp.id
_chem_comp.type
_chem_comp.name
_chem_comp.formula
CIU non-polymer N-CYCLOHEXYL-N'-(4-IODOPHENYL)UREA 'C13 H17 I N2 O'
MG non-polymer 'MAGNESIUM ION' 'Mg 2'
P6G non-polymer 'HEXAETHYLENE GLYCOL' 'C12 H26 O7'
PO4 non-polymer 'PHOSPHATE ION' 'O4 P -3'
#
# COMPACT_ATOMS: atom_id res chain seq x y z
N THR A 2 8.00 23.98 21.33
CA THR A 2 9.46 24.10 21.13
C THR A 2 10.03 22.96 20.29
N LEU A 3 9.77 21.71 20.68
CA LEU A 3 10.26 20.57 19.92
C LEU A 3 9.61 20.56 18.54
N ARG A 4 10.41 20.35 17.51
CA ARG A 4 9.87 20.35 16.15
C ARG A 4 10.36 19.18 15.31
N ALA A 5 11.33 18.43 15.80
CA ALA A 5 11.85 17.30 15.03
C ALA A 5 12.28 16.11 15.89
N ALA A 6 12.12 14.91 15.34
CA ALA A 6 12.49 13.68 16.02
C ALA A 6 13.39 12.85 15.12
N VAL A 7 14.52 12.42 15.66
CA VAL A 7 15.48 11.61 14.93
C VAL A 7 15.57 10.22 15.55
N PHE A 8 15.49 9.19 14.72
CA PHE A 8 15.55 7.81 15.21
C PHE A 8 16.74 7.05 14.65
N ASP A 9 17.33 6.19 15.49
CA ASP A 9 18.45 5.36 15.11
C ASP A 9 17.80 4.16 14.42
N LEU A 10 18.55 3.45 13.58
CA LEU A 10 17.96 2.30 12.90
C LEU A 10 18.07 1.04 13.76
N ASP A 11 19.28 0.51 13.89
CA ASP A 11 19.48 -0.69 14.67
C ASP A 11 19.12 -0.49 16.14
N GLY A 12 18.29 -1.38 16.67
CA GLY A 12 17.90 -1.29 18.06
C GLY A 12 16.79 -0.30 18.39
N VAL A 13 16.39 0.53 17.42
CA VAL A 13 15.33 1.50 17.67
C VAL A 13 14.17 1.33 16.69
N LEU A 14 14.44 1.46 15.39
CA LEU A 14 13.39 1.26 14.40
C LEU A 14 13.38 -0.18 13.88
N ALA A 15 14.45 -0.92 14.16
CA ALA A 15 14.57 -2.31 13.74
C ALA A 15 15.06 -3.20 14.87
N LEU A 16 14.42 -4.36 15.02
CA LEU A 16 14.76 -5.31 16.06
C LEU A 16 14.66 -6.74 15.53
N PRO A 17 15.50 -7.65 16.04
CA PRO A 17 16.53 -7.41 17.06
C PRO A 17 17.70 -6.64 16.45
N ALA A 18 18.44 -5.92 17.28
CA ALA A 18 19.59 -5.14 16.82
C ALA A 18 20.69 -6.08 16.31
N VAL A 19 21.12 -5.86 15.08
CA VAL A 19 22.16 -6.69 14.47
C VAL A 19 23.45 -6.68 15.28
N PHE A 20 23.82 -5.51 15.81
CA PHE A 20 25.02 -5.42 16.61
C PHE A 20 24.89 -6.31 17.85
N GLY A 21 23.64 -6.53 18.27
CA GLY A 21 23.39 -7.35 19.43
C GLY A 21 23.38 -8.84 19.17
N VAL A 22 23.96 -9.25 18.03
CA VAL A 22 24.02 -10.66 17.69
C VAL A 22 25.40 -11.21 18.07
N LEU A 23 26.32 -10.30 18.34
CA LEU A 23 27.68 -10.69 18.71
C LEU A 23 27.68 -11.32 20.10
N GLY A 24 26.85 -10.80 21.00
CA GLY A 24 26.77 -11.34 22.35
C GLY A 24 26.04 -12.67 22.37
N ARG A 25 24.99 -12.77 21.57
CA ARG A 25 24.19 -13.98 21.49
C ARG A 25 25.01 -15.10 20.85
N THR A 26 25.99 -14.72 20.03
CA THR A 26 26.84 -15.69 19.37
C THR A 26 27.90 -16.19 20.33
N GLU A 27 28.39 -15.30 21.19
CA GLU A 27 29.40 -15.64 22.18
C GLU A 27 28.83 -16.66 23.16
N GLU A 28 27.63 -16.39 23.67
CA GLU A 28 26.99 -17.30 24.61
C GLU A 28 26.64 -18.61 23.95
N ALA A 29 26.05 -18.55 22.77
CA ALA A 29 25.68 -19.77 22.05
C ALA A 29 26.89 -20.64 21.83
N LEU A 30 28.00 -20.02 21.44
CA LEU A 30 29.24 -20.74 21.17
C LEU A 30 30.13 -20.90 22.39
N ALA A 31 29.65 -20.45 23.55
CA ALA A 31 30.43 -20.58 24.78
C ALA A 31 31.82 -19.94 24.65
N LEU A 32 31.88 -18.76 24.01
CA LEU A 32 33.15 -18.05 23.86
C LEU A 32 33.26 -17.00 24.97
N PRO A 33 34.47 -16.49 25.23
CA PRO A 33 34.66 -15.48 26.27
C PRO A 33 33.71 -14.31 26.00
N ARG A 34 33.15 -13.74 27.05
CA ARG A 34 32.23 -12.63 26.90
C ARG A 34 32.90 -11.42 26.25
N GLY A 35 32.21 -10.82 25.29
CA GLY A 35 32.73 -9.65 24.59
C GLY A 35 33.84 -9.90 23.59
N LEU A 36 34.21 -11.16 23.40
CA LEU A 36 35.26 -11.50 22.44
C LEU A 36 34.91 -10.97 21.05
N LEU A 37 33.70 -11.26 20.59
CA LEU A 37 33.25 -10.81 19.28
C LEU A 37 33.06 -9.31 19.25
N ASN A 38 32.69 -8.72 20.38
CA ASN A 38 32.50 -7.28 20.45
C ASN A 38 33.85 -6.60 20.30
N ASP A 39 34.87 -7.16 20.94
CA ASP A 39 36.22 -6.59 20.86
C ASP A 39 36.71 -6.59 19.42
N ALA A 40 36.69 -7.77 18.80
CA ALA A 40 37.14 -7.92 17.42
C ALA A 40 36.35 -7.00 16.49
N PHE A 41 35.06 -6.83 16.79
CA PHE A 41 34.19 -5.98 15.99
C PHE A 41 34.67 -4.53 16.02
N GLN A 42 35.15 -4.09 17.17
CA GLN A 42 35.61 -2.71 17.32
C GLN A 42 37.13 -2.60 17.34
N LYS A 43 37.80 -3.67 16.90
CA LYS A 43 39.26 -3.69 16.87
C LYS A 43 39.84 -2.49 16.14
N GLY A 44 40.73 -1.76 16.81
CA GLY A 44 41.37 -0.61 16.19
C GLY A 44 40.67 0.72 16.39
N GLY A 45 39.49 0.71 16.99
CA GLY A 45 38.78 1.95 17.19
C GLY A 45 38.56 2.74 15.91
N PRO A 46 38.74 4.08 15.96
CA PRO A 46 38.58 4.96 14.80
C PRO A 46 39.40 4.57 13.58
N GLU A 47 40.45 3.79 13.79
CA GLU A 47 41.30 3.37 12.69
C GLU A 47 40.96 1.94 12.28
N GLY A 48 40.04 1.33 13.02
CA GLY A 48 39.64 -0.05 12.76
C GLY A 48 38.85 -0.30 11.49
N ALA A 49 38.78 -1.57 11.09
CA ALA A 49 38.07 -1.98 9.90
C ALA A 49 36.58 -1.64 9.91
N THR A 50 35.96 -1.73 11.08
CA THR A 50 34.54 -1.44 11.21
C THR A 50 34.20 0.03 10.98
N THR A 51 35.10 0.93 11.36
CA THR A 51 34.84 2.35 11.16
C THR A 51 35.01 2.72 9.69
N ARG A 52 35.94 2.06 9.01
CA ARG A 52 36.16 2.31 7.59
C ARG A 52 34.91 1.87 6.85
N LEU A 53 34.41 0.70 7.23
CA LEU A 53 33.22 0.13 6.64
C LEU A 53 32.02 1.05 6.86
N MET A 54 31.90 1.58 8.07
CA MET A 54 30.79 2.45 8.42
C MET A 54 30.84 3.85 7.77
N LYS A 55 32.01 4.25 7.29
CA LYS A 55 32.15 5.55 6.64
C LYS A 55 32.00 5.45 5.12
N GLY A 56 32.01 4.24 4.59
CA GLY A 56 31.86 4.05 3.16
C GLY A 56 33.15 3.83 2.42
N GLU A 57 34.26 3.76 3.16
CA GLU A 57 35.55 3.54 2.54
C GLU A 57 35.63 2.17 1.88
N ILE A 58 35.07 1.15 2.53
CA ILE A 58 35.07 -0.21 1.99
C ILE A 58 33.69 -0.84 2.11
N THR A 59 33.42 -1.87 1.31
CA THR A 59 32.13 -2.54 1.35
C THR A 59 32.06 -3.64 2.42
N LEU A 60 30.85 -4.11 2.68
CA LEU A 60 30.63 -5.15 3.68
C LEU A 60 31.38 -6.43 3.36
N SER A 61 31.35 -6.83 2.10
CA SER A 61 32.04 -8.05 1.69
C SER A 61 33.54 -7.92 1.89
N GLN A 62 34.05 -6.71 1.73
CA GLN A 62 35.48 -6.46 1.92
C GLN A 62 35.79 -6.47 3.42
N TRP A 63 34.77 -6.13 4.21
CA TRP A 63 34.91 -6.07 5.66
C TRP A 63 34.95 -7.46 6.30
N ILE A 64 34.05 -8.32 5.88
CA ILE A 64 33.96 -9.66 6.43
C ILE A 64 35.31 -10.34 6.67
N PRO A 65 36.24 -10.29 5.71
CA PRO A 65 37.56 -10.90 5.86
C PRO A 65 38.38 -10.25 6.98
N LEU A 66 38.24 -8.93 7.11
CA LEU A 66 38.96 -8.17 8.13
C LEU A 66 38.45 -8.44 9.54
N MET A 67 37.16 -8.76 9.65
CA MET A 67 36.56 -9.05 10.95
C MET A 67 36.97 -10.45 11.41
N GLU A 68 37.13 -11.36 10.47
CA GLU A 68 37.53 -12.72 10.82
C GLU A 68 38.95 -12.65 11.37
N GLU A 69 39.78 -11.83 10.74
CA GLU A 69 41.16 -11.66 11.17
C GLU A 69 41.18 -11.10 12.58
N ASN A 70 40.33 -10.10 12.85
CA ASN A 70 40.26 -9.53 14.18
C ASN A 70 39.80 -10.59 15.19
N CYS A 71 38.83 -11.42 14.79
CA CYS A 71 38.32 -12.46 15.66
C CYS A 71 39.38 -13.46 16.07
N ARG A 72 40.36 -13.68 15.19
CA ARG A 72 41.41 -14.62 15.53
C ARG A 72 42.42 -13.94 16.46
N LYS A 73 42.78 -12.70 16.16
CA LYS A 73 43.72 -11.99 17.01
C LYS A 73 43.17 -11.86 18.43
N CYS A 74 41.89 -11.52 18.54
CA CYS A 74 41.24 -11.39 19.85
C CYS A 74 41.23 -12.70 20.64
N SER A 75 40.93 -13.80 19.95
CA SER A 75 40.91 -15.09 20.61
C SER A 75 42.33 -15.48 20.96
N GLU A 76 43.26 -15.09 20.10
CA GLU A 76 44.66 -15.38 20.30
C GLU A 76 45.11 -14.82 21.65
N THR A 77 44.85 -13.52 21.85
CA THR A 77 45.23 -12.85 23.10
C THR A 77 44.43 -13.36 24.30
N ALA A 78 43.28 -13.97 24.04
CA ALA A 78 42.44 -14.50 25.11
C ALA A 78 42.73 -15.97 25.40
N LYS A 79 43.58 -16.58 24.59
CA LYS A 79 43.93 -17.98 24.78
C LYS A 79 42.69 -18.85 24.64
N VAL A 80 41.93 -18.64 23.57
CA VAL A 80 40.72 -19.41 23.31
C VAL A 80 40.58 -19.73 21.82
N CYS A 81 40.08 -20.92 21.49
CA CYS A 81 39.89 -21.31 20.10
C CYS A 81 38.53 -20.86 19.60
N LEU A 82 38.26 -21.11 18.31
CA LEU A 82 36.99 -20.76 17.69
C LEU A 82 36.42 -22.01 17.04
N PRO A 83 35.09 -22.14 17.02
CA PRO A 83 34.41 -23.30 16.42
C PRO A 83 35.04 -23.75 15.10
N LYS A 84 34.76 -24.99 14.70
CA LYS A 84 35.32 -25.53 13.46
C LYS A 84 34.81 -24.82 12.21
N ASN A 85 33.53 -24.51 12.17
CA ASN A 85 32.96 -23.82 11.02
C ASN A 85 32.53 -22.40 11.36
N PHE A 86 33.32 -21.73 12.18
CA PHE A 86 33.03 -20.34 12.55
C PHE A 86 32.97 -19.55 11.25
N SER A 87 31.90 -18.77 11.06
CA SER A 87 31.76 -17.98 9.85
C SER A 87 31.08 -16.63 10.07
N ILE A 88 31.83 -15.56 9.90
CA ILE A 88 31.30 -14.21 10.10
C ILE A 88 30.16 -13.88 9.16
N LYS A 89 30.26 -14.34 7.91
CA LYS A 89 29.22 -14.08 6.93
C LYS A 89 27.91 -14.74 7.31
N GLU A 90 28.01 -16.00 7.75
CA GLU A 90 26.85 -16.77 8.14
C GLU A 90 26.19 -16.12 9.35
N ILE A 91 27.01 -15.62 10.26
CA ILE A 91 26.52 -14.98 11.46
C ILE A 91 25.77 -13.68 11.18
N PHE A 92 26.30 -12.86 10.27
CA PHE A 92 25.65 -11.61 9.94
C PHE A 92 24.50 -11.75 8.96
N ASP A 93 24.57 -12.73 8.06
CA ASP A 93 23.48 -12.94 7.12
C ASP A 93 22.24 -13.25 7.94
N LYS A 94 22.40 -14.17 8.88
CA LYS A 94 21.33 -14.62 9.77
C LYS A 94 20.81 -13.48 10.63
N ALA A 95 21.73 -12.73 11.24
CA ALA A 95 21.37 -11.62 12.11
C ALA A 95 20.58 -10.54 11.37
N ILE A 96 21.07 -10.14 10.19
CA ILE A 96 20.43 -9.12 9.38
C ILE A 96 19.03 -9.50 8.92
N SER A 97 18.87 -10.73 8.44
CA SER A 97 17.57 -11.19 7.97
C SER A 97 16.59 -11.34 9.13
N ALA A 98 17.13 -11.57 10.33
CA ALA A 98 16.30 -11.71 11.51
C ALA A 98 15.76 -10.37 11.96
N ARG A 99 16.50 -9.31 11.64
CA ARG A 99 16.11 -7.98 12.04
C ARG A 99 14.89 -7.50 11.25
N LYS A 100 13.91 -6.96 11.96
CA LYS A 100 12.68 -6.48 11.33
C LYS A 100 12.31 -5.11 11.85
N ILE A 101 11.32 -4.50 11.21
CA ILE A 101 10.82 -3.19 11.61
C ILE A 101 10.12 -3.24 12.96
N ASN A 102 10.50 -2.33 13.85
CA ASN A 102 9.88 -2.25 15.17
C ASN A 102 8.63 -1.40 14.95
N ARG A 103 7.52 -2.06 14.61
CA ARG A 103 6.24 -1.41 14.33
C ARG A 103 5.77 -0.30 15.28
N PRO A 104 5.65 -0.58 16.59
CA PRO A 104 5.19 0.50 17.47
C PRO A 104 6.07 1.75 17.43
N MET A 105 7.37 1.56 17.19
CA MET A 105 8.28 2.68 17.11
C MET A 105 8.02 3.44 15.80
N LEU A 106 7.77 2.70 14.72
CA LEU A 106 7.49 3.31 13.43
C LEU A 106 6.19 4.12 13.55
N GLN A 107 5.22 3.55 14.28
CA GLN A 107 3.92 4.19 14.48
C GLN A 107 4.07 5.54 15.19
N ALA A 108 4.94 5.57 16.20
CA ALA A 108 5.18 6.80 16.95
C ALA A 108 5.80 7.84 16.01
N ALA A 109 6.73 7.42 15.17
CA ALA A 109 7.36 8.33 14.23
C ALA A 109 6.29 8.88 13.29
N LEU A 110 5.46 7.98 12.77
CA LEU A 110 4.37 8.35 11.86
C LEU A 110 3.43 9.36 12.51
N MET A 111 3.08 9.13 13.76
CA MET A 111 2.19 10.04 14.48
C MET A 111 2.80 11.44 14.65
N LEU A 112 4.03 11.49 15.15
CA LEU A 112 4.71 12.77 15.35
C LEU A 112 4.78 13.56 14.05
N ARG A 113 5.14 12.86 12.97
CA ARG A 113 5.24 13.51 11.67
C ARG A 113 3.87 14.05 11.26
N LYS A 114 2.84 13.25 11.50
CA LYS A 114 1.49 13.63 11.16
C LYS A 114 1.09 14.91 11.88
N LYS A 115 1.69 15.17 13.04
CA LYS A 115 1.36 16.37 13.78
C LYS A 115 2.35 17.51 13.60
N GLY A 116 3.00 17.55 12.45
CA GLY A 116 3.94 18.62 12.17
C GLY A 116 5.41 18.35 12.34
N PHE A 117 5.77 17.31 13.10
CA PHE A 117 7.18 17.01 13.31
C PHE A 117 7.94 16.65 12.03
N THR A 118 9.21 17.03 12.00
CA THR A 118 10.09 16.71 10.89
C THR A 118 10.79 15.48 11.43
N THR A 119 10.75 14.38 10.69
CA THR A 119 11.38 13.16 11.16
C THR A 119 12.51 12.68 10.27
N ALA A 120 13.48 12.02 10.89
CA ALA A 120 14.63 11.51 10.15
C ALA A 120 15.21 10.29 10.83
N ILE A 121 15.98 9.53 10.07
CA ILE A 121 16.66 8.35 10.56
C ILE A 121 18.14 8.70 10.48
N LEU A 122 18.87 8.47 11.56
CA LEU A 122 20.30 8.74 11.61
C LEU A 122 20.91 7.41 12.00
N THR A 123 21.67 6.82 11.06
CA THR A 123 22.23 5.51 11.32
C THR A 123 23.62 5.24 10.79
N ASN A 124 24.37 4.45 11.54
CA ASN A 124 25.68 4.04 11.11
C ASN A 124 25.37 2.78 10.33
N THR A 125 25.66 2.77 9.05
CA THR A 125 25.38 1.58 8.26
C THR A 125 26.43 1.35 7.18
N TRP A 126 26.27 0.27 6.44
CA TRP A 126 27.24 -0.11 5.42
C TRP A 126 26.73 -0.27 3.99
N LEU A 127 27.67 -0.30 3.06
CA LEU A 127 27.38 -0.50 1.65
C LEU A 127 27.30 -2.02 1.53
N ASP A 128 26.09 -2.53 1.39
CA ASP A 128 25.87 -3.97 1.32
C ASP A 128 25.96 -4.56 -0.07
N ASP A 129 26.98 -5.37 -0.30
CA ASP A 129 27.18 -6.01 -1.59
C ASP A 129 27.06 -7.53 -1.46
N ARG A 130 26.57 -7.99 -0.31
CA ARG A 130 26.39 -9.42 -0.08
C ARG A 130 25.39 -9.91 -1.13
N ALA A 131 25.37 -11.21 -1.39
CA ALA A 131 24.44 -11.76 -2.36
C ALA A 131 23.03 -11.72 -1.79
N GLU A 132 22.93 -11.47 -0.50
CA GLU A 132 21.65 -11.41 0.19
C GLU A 132 21.18 -9.97 0.40
N ARG A 133 21.95 -9.02 -0.12
CA ARG A 133 21.64 -7.60 0.06
C ARG A 133 20.19 -7.16 -0.17
N ASP A 134 19.46 -7.81 -1.07
CA ASP A 134 18.09 -7.40 -1.34
C ASP A 134 17.26 -7.30 -0.06
N GLY A 135 17.52 -8.21 0.89
CA GLY A 135 16.79 -8.19 2.14
C GLY A 135 16.85 -6.84 2.83
N LEU A 136 18.07 -6.33 3.04
CA LEU A 136 18.22 -5.06 3.70
C LEU A 136 17.63 -3.92 2.86
N ALA A 137 17.79 -4.01 1.54
CA ALA A 137 17.26 -2.98 0.64
C ALA A 137 15.75 -2.79 0.84
N GLN A 138 15.03 -3.90 0.94
CA GLN A 138 13.59 -3.86 1.14
C GLN A 138 13.23 -3.23 2.48
N LEU A 139 13.99 -3.60 3.52
CA LEU A 139 13.74 -3.04 4.84
C LEU A 139 13.88 -1.53 4.78
N MET A 140 15.01 -1.06 4.26
CA MET A 140 15.25 0.37 4.17
C MET A 140 14.18 1.08 3.35
N CYS A 141 13.81 0.48 2.22
CA CYS A 141 12.79 1.06 1.37
C CYS A 141 11.46 1.24 2.08
N GLU A 142 11.03 0.23 2.82
CA GLU A 142 9.76 0.34 3.52
C GLU A 142 9.81 1.43 4.58
N LEU A 143 10.89 1.46 5.35
CA LEU A 143 11.05 2.48 6.40
C LEU A 143 11.27 3.86 5.82
N LYS A 144 12.20 3.94 4.88
CA LYS A 144 12.60 5.16 4.19
C LYS A 144 11.44 6.08 3.80
N MET A 145 10.40 5.49 3.23
CA MET A 145 9.22 6.22 2.77
C MET A 145 8.42 6.97 3.85
N HIS A 146 8.65 6.63 5.11
CA HIS A 146 7.89 7.26 6.19
C HIS A 146 8.58 8.42 6.89
N PHE A 147 9.77 8.78 6.42
CA PHE A 147 10.51 9.87 7.04
C PHE A 147 10.92 10.97 6.07
N ASP A 148 11.29 12.13 6.61
CA ASP A 148 11.70 13.24 5.77
C ASP A 148 13.14 13.10 5.31
N PHE A 149 13.98 12.49 6.14
CA PHE A 149 15.38 12.31 5.78
C PHE A 149 15.93 10.99 6.29
N LEU A 150 16.82 10.41 5.50
CA LEU A 150 17.49 9.17 5.86
C LEU A 150 18.98 9.51 5.74
N ILE A 151 19.67 9.54 6.88
CA ILE A 151 21.09 9.85 6.86
C ILE A 151 21.89 8.60 7.24
N GLU A 152 22.58 8.03 6.26
CA GLU A 152 23.40 6.84 6.45
C GLU A 152 24.87 7.21 6.47
N SER A 153 25.58 6.78 7.51
CA SER A 153 26.99 7.09 7.68
C SER A 153 27.85 6.76 6.46
N CYS A 154 27.67 5.58 5.89
CA CYS A 154 28.45 5.16 4.72
C CYS A 154 28.16 6.04 3.49
N GLN A 155 27.13 6.87 3.59
CA GLN A 155 26.75 7.73 2.50
C GLN A 155 27.32 9.14 2.67
N VAL A 156 27.38 9.62 3.92
CA VAL A 156 27.90 10.95 4.19
C VAL A 156 29.34 10.97 4.72
N GLY A 157 29.97 9.80 4.76
CA GLY A 157 31.36 9.71 5.21
C GLY A 157 31.65 10.11 6.65
N MET A 158 30.62 10.07 7.50
CA MET A 158 30.78 10.41 8.91
C MET A 158 30.07 9.34 9.74
N VAL A 159 30.41 9.21 11.01
CA VAL A 159 29.77 8.20 11.85
C VAL A 159 29.61 8.65 13.29
N LYS A 160 28.47 8.33 13.88
CA LYS A 160 28.22 8.64 15.28
C LYS A 160 29.32 7.88 16.02
N PRO A 161 29.86 8.43 17.12
CA PRO A 161 29.60 9.71 17.81
C PRO A 161 30.32 10.96 17.32
N GLU A 162 31.04 10.90 16.20
CA GLU A 162 31.73 12.08 15.69
C GLU A 162 30.75 13.25 15.67
N PRO A 163 31.05 14.32 16.41
CA PRO A 163 30.14 15.48 16.44
C PRO A 163 29.81 16.09 15.08
N GLN A 164 30.70 15.89 14.10
CA GLN A 164 30.48 16.39 12.76
C GLN A 164 29.16 15.86 12.17
N ILE A 165 28.88 14.59 12.42
CA ILE A 165 27.64 13.98 11.91
C ILE A 165 26.43 14.70 12.51
N TYR A 166 26.54 15.09 13.77
CA TYR A 166 25.44 15.79 14.45
C TYR A 166 25.21 17.18 13.88
N LYS A 167 26.30 17.87 13.54
CA LYS A 167 26.18 19.21 12.97
C LYS A 167 25.55 19.05 11.59
N PHE A 168 25.93 17.98 10.89
CA PHE A 168 25.35 17.70 9.58
C PHE A 168 23.86 17.51 9.76
N LEU A 169 23.49 16.66 10.72
CA LEU A 169 22.09 16.38 11.02
C LEU A 169 21.30 17.67 11.19
N LEU A 170 21.72 18.49 12.16
CA LEU A 170 21.05 19.76 12.43
C LEU A 170 20.93 20.60 11.16
N ASP A 171 21.99 20.61 10.36
CA ASP A 171 22.01 21.37 9.12
C ASP A 171 20.92 20.86 8.17
N THR A 172 20.78 19.54 8.11
CA THR A 172 19.78 18.92 7.25
C THR A 172 18.38 19.23 7.75
N LEU A 173 18.22 19.22 9.08
CA LEU A 173 16.95 19.49 9.73
C LEU A 173 16.52 20.95 9.69
N LYS A 174 17.46 21.83 9.38
CA LYS A 174 17.17 23.27 9.33
C LYS A 174 16.58 23.67 10.68
N ALA A 175 17.11 23.07 11.75
CA ALA A 175 16.64 23.35 13.10
C ALA A 175 17.76 23.39 14.11
N SER A 176 17.51 24.07 15.23
CA SER A 176 18.49 24.18 16.29
C SER A 176 18.30 23.05 17.28
N PRO A 177 19.39 22.62 17.95
CA PRO A 177 19.38 21.54 18.93
C PRO A 177 18.15 21.49 19.84
N SER A 178 17.89 22.59 20.54
CA SER A 178 16.77 22.68 21.46
C SER A 178 15.45 22.11 20.95
N GLU A 179 15.23 22.14 19.65
CA GLU A 179 13.96 21.62 19.11
C GLU A 179 14.08 20.24 18.45
N VAL A 180 15.02 19.42 18.93
CA VAL A 180 15.22 18.10 18.36
C VAL A 180 15.33 16.98 19.40
N VAL A 181 14.57 15.91 19.18
CA VAL A 181 14.59 14.76 20.07
C VAL A 181 15.37 13.68 19.32
N PHE A 182 16.29 13.01 20.00
CA PHE A 182 17.08 11.99 19.34
C PHE A 182 17.10 10.70 20.14
N LEU A 183 16.56 9.64 19.56
CA LEU A 183 16.51 8.36 20.24
C LEU A 183 17.57 7.43 19.66
N ASP A 184 18.29 6.77 20.55
CA ASP A 184 19.34 5.82 20.15
C ASP A 184 19.42 4.77 21.25
N ASP A 185 19.99 3.61 20.94
CA ASP A 185 20.12 2.58 21.96
C ASP A 185 21.54 2.51 22.51
N ILE A 186 22.34 3.53 22.16
CA ILE A 186 23.73 3.59 22.59
C ILE A 186 24.05 4.92 23.27
N GLY A 187 24.39 4.84 24.56
CA GLY A 187 24.70 6.03 25.33
C GLY A 187 25.74 6.93 24.69
N ALA A 188 26.86 6.32 24.29
CA ALA A 188 27.94 7.07 23.67
C ALA A 188 27.46 7.92 22.50
N ASN A 189 26.46 7.44 21.76
CA ASN A 189 25.94 8.20 20.63
C ASN A 189 24.99 9.32 21.02
N LEU A 190 24.55 9.31 22.27
CA LEU A 190 23.63 10.33 22.78
C LEU A 190 24.39 11.51 23.37
N LYS A 191 25.52 11.22 23.99
CA LYS A 191 26.35 12.26 24.62
C LYS A 191 26.60 13.47 23.71
N PRO A 192 27.00 13.24 22.45
CA PRO A 192 27.25 14.36 21.53
C PRO A 192 26.00 15.20 21.33
N ALA A 193 24.89 14.51 21.14
CA ALA A 193 23.60 15.18 20.93
C ALA A 193 23.30 16.04 22.16
N ARG A 194 23.46 15.44 23.33
CA ARG A 194 23.21 16.14 24.57
C ARG A 194 24.11 17.37 24.71
N ASP A 195 25.42 17.19 24.48
CA ASP A 195 26.36 18.31 24.57
C ASP A 195 25.87 19.49 23.73
N LEU A 196 25.30 19.17 22.57
CA LEU A 196 24.79 20.20 21.67
C LEU A 196 23.52 20.82 22.25
N GLY A 197 23.01 20.21 23.31
CA GLY A 197 21.81 20.71 23.96
C GLY A 197 20.47 20.13 23.54
N MET A 198 20.46 19.12 22.68
CA MET A 198 19.17 18.55 22.26
C MET A 198 18.68 17.42 23.17
N VAL A 199 17.36 17.23 23.20
CA VAL A 199 16.77 16.19 24.02
C VAL A 199 17.22 14.83 23.52
N THR A 200 17.47 13.91 24.45
CA THR A 200 17.94 12.59 24.08
C THR A 200 17.25 11.49 24.90
N ILE A 201 16.99 10.36 24.26
CA ILE A 201 16.33 9.24 24.90
C ILE A 201 17.13 7.96 24.70
N LEU A 202 17.57 7.36 25.80
CA LEU A 202 18.33 6.13 25.72
C LEU A 202 17.29 5.02 25.57
N VAL A 203 17.22 4.44 24.38
CA VAL A 203 16.25 3.40 24.10
C VAL A 203 16.69 1.99 24.45
N GLN A 204 16.02 1.40 25.43
CA GLN A 204 16.27 0.03 25.82
C GLN A 204 15.01 -0.66 25.33
N ASP A 205 13.96 -0.65 26.14
CA ASP A 205 12.68 -1.25 25.76
C ASP A 205 11.80 -0.16 25.12
N THR A 206 11.12 -0.54 24.05
CA THR A 206 10.25 0.36 23.29
C THR A 206 9.22 1.14 24.11
N ASP A 207 8.45 0.44 24.94
CA ASP A 207 7.42 1.09 25.76
C ASP A 207 7.97 2.23 26.59
N THR A 208 9.07 1.97 27.29
CA THR A 208 9.67 2.99 28.13
C THR A 208 10.15 4.18 27.31
N ALA A 209 10.78 3.89 26.18
CA ALA A 209 11.27 4.97 25.32
C ALA A 209 10.11 5.82 24.82
N LEU A 210 9.02 5.17 24.44
CA LEU A 210 7.84 5.88 23.94
C LEU A 210 7.17 6.69 25.04
N LYS A 211 7.34 6.26 26.28
CA LYS A 211 6.76 6.99 27.40
C LYS A 211 7.51 8.29 27.60
N GLU A 212 8.84 8.22 27.54
CA GLU A 212 9.67 9.42 27.67
C GLU A 212 9.38 10.32 26.49
N LEU A 213 9.35 9.73 25.30
CA LEU A 213 9.09 10.47 24.06
C LEU A 213 7.73 11.13 24.10
N GLU A 214 6.76 10.44 24.70
CA GLU A 214 5.41 10.96 24.81
C GLU A 214 5.41 12.15 25.76
N LYS A 215 6.07 11.98 26.90
CA LYS A 215 6.16 13.04 27.89
C LYS A 215 6.87 14.29 27.39
N VAL A 216 8.01 14.12 26.73
CA VAL A 216 8.76 15.27 26.24
C VAL A 216 8.09 15.99 25.06
N THR A 217 7.37 15.25 24.22
CA THR A 217 6.70 15.87 23.07
C THR A 217 5.30 16.32 23.44
N GLY A 218 4.70 15.67 24.43
CA GLY A 218 3.35 16.03 24.85
C GLY A 218 2.29 15.54 23.90
N ILE A 219 2.64 14.55 23.08
CA ILE A 219 1.71 13.97 22.11
C ILE A 219 1.46 12.50 22.45
N GLN A 220 0.20 12.07 22.39
CA GLN A 220 -0.15 10.69 22.70
C GLN A 220 0.42 9.74 21.65
N LEU A 221 1.38 8.90 22.06
CA LEU A 221 2.02 7.97 21.15
C LEU A 221 1.77 6.51 21.48
N LEU A 222 1.55 6.23 22.76
CA LEU A 222 1.31 4.87 23.23
C LEU A 222 -0.18 4.62 23.47
N ASN A 223 -0.58 3.34 23.46
CA ASN A 223 -1.97 2.98 23.69
C ASN A 223 -2.90 3.66 22.70
N THR A 224 -2.36 4.11 21.59
CA THR A 224 -3.14 4.81 20.58
C THR A 224 -3.86 3.82 19.65
N PRO A 225 -4.99 4.23 19.05
CA PRO A 225 -5.76 3.36 18.16
C PRO A 225 -5.02 2.96 16.89
N ALA A 226 -5.38 1.81 16.33
CA ALA A 226 -4.76 1.32 15.09
C ALA A 226 -4.92 2.38 14.01
N PRO A 227 -3.83 2.77 13.35
CA PRO A 227 -3.92 3.77 12.29
C PRO A 227 -4.34 3.12 10.98
N LEU A 228 -4.75 3.93 10.02
CA LEU A 228 -5.15 3.40 8.72
C LEU A 228 -3.90 3.01 7.95
N PRO A 229 -4.02 2.06 7.01
CA PRO A 229 -2.86 1.63 6.22
C PRO A 229 -2.32 2.81 5.42
N THR A 230 -1.13 2.65 4.86
CA THR A 230 -0.51 3.71 4.07
C THR A 230 -1.33 4.03 2.83
N SER A 231 -1.49 5.31 2.54
CA SER A 231 -2.22 5.75 1.35
C SER A 231 -1.13 6.35 0.45
N CYS A 232 -1.42 6.58 -0.82
CA CYS A 232 -0.39 7.18 -1.66
C CYS A 232 -0.67 8.60 -2.11
N ASN A 233 0.39 9.33 -2.40
CA ASN A 233 0.28 10.71 -2.86
C ASN A 233 0.37 10.62 -4.38
N PRO A 234 -0.66 11.13 -5.08
CA PRO A 234 -0.68 11.09 -6.55
C PRO A 234 0.62 11.46 -7.24
N SER A 235 1.24 12.57 -6.82
CA SER A 235 2.47 13.05 -7.45
C SER A 235 3.73 12.24 -7.16
N ASP A 236 3.65 11.26 -6.26
CA ASP A 236 4.81 10.43 -5.97
C ASP A 236 4.70 9.09 -6.69
N MET A 237 3.64 8.93 -7.48
CA MET A 237 3.43 7.67 -8.18
C MET A 237 4.01 7.64 -9.58
N SER A 238 4.30 6.43 -10.06
CA SER A 238 4.79 6.25 -11.41
C SER A 238 3.51 6.20 -12.24
N HIS A 239 3.41 7.03 -13.26
CA HIS A 239 2.23 7.08 -14.10
C HIS A 239 2.47 6.48 -15.48
N GLY A 240 1.64 5.51 -15.84
CA GLY A 240 1.79 4.84 -17.12
C GLY A 240 0.66 5.08 -18.10
N TYR A 241 1.01 5.06 -19.38
CA TYR A 241 0.02 5.30 -20.43
C TYR A 241 0.21 4.34 -21.60
N VAL A 242 -0.88 3.69 -22.00
CA VAL A 242 -0.88 2.73 -23.09
C VAL A 242 -2.01 3.00 -24.09
N THR A 243 -1.64 3.10 -25.36
CA THR A 243 -2.62 3.33 -26.42
C THR A 243 -3.02 1.94 -26.89
N VAL A 244 -4.28 1.57 -26.65
CA VAL A 244 -4.77 0.25 -27.05
C VAL A 244 -5.54 0.31 -28.36
N LYS A 245 -5.76 1.54 -28.83
CA LYS A 245 -6.48 1.82 -30.07
C LYS A 245 -6.21 3.28 -30.42
N PRO A 246 -6.28 3.63 -31.71
CA PRO A 246 -6.05 4.99 -32.20
C PRO A 246 -6.54 6.11 -31.29
N ARG A 247 -7.78 6.03 -30.80
CA ARG A 247 -8.28 7.08 -29.93
C ARG A 247 -8.52 6.64 -28.48
N VAL A 248 -7.86 5.58 -28.05
CA VAL A 248 -8.05 5.10 -26.68
C VAL A 248 -6.73 4.82 -25.97
N ARG A 249 -6.42 5.66 -24.99
CA ARG A 249 -5.21 5.49 -24.20
C ARG A 249 -5.61 5.27 -22.74
N LEU A 250 -5.07 4.23 -22.12
CA LEU A 250 -5.41 3.93 -20.73
C LEU A 250 -4.28 4.33 -19.78
N HIS A 251 -4.68 4.96 -18.67
CA HIS A 251 -3.73 5.41 -17.66
C HIS A 251 -3.83 4.51 -16.43
N PHE A 252 -2.70 4.31 -15.77
CA PHE A 252 -2.63 3.49 -14.56
C PHE A 252 -1.46 3.92 -13.69
N VAL A 253 -1.56 3.62 -12.40
CA VAL A 253 -0.52 3.93 -11.45
C VAL A 253 0.12 2.57 -11.20
N GLU A 254 1.43 2.54 -11.10
CA GLU A 254 2.16 1.28 -10.92
C GLU A 254 3.12 1.32 -9.73
N LEU A 255 3.18 0.23 -8.98
CA LEU A 255 4.05 0.16 -7.82
C LEU A 255 4.32 -1.29 -7.44
N GLY A 256 5.56 -1.57 -7.04
CA GLY A 256 5.93 -2.91 -6.63
C GLY A 256 6.46 -3.84 -7.70
N SER A 257 7.02 -4.95 -7.25
CA SER A 257 7.55 -5.97 -8.16
C SER A 257 6.90 -7.29 -7.80
N GLY A 258 6.97 -8.25 -8.73
CA GLY A 258 6.36 -9.55 -8.50
C GLY A 258 5.24 -9.80 -9.47
N PRO A 259 4.31 -10.73 -9.17
CA PRO A 259 3.21 -11.00 -10.08
C PRO A 259 2.39 -9.73 -10.33
N ALA A 260 1.91 -9.56 -11.56
CA ALA A 260 1.12 -8.38 -11.91
C ALA A 260 -0.30 -8.43 -11.35
N VAL A 261 -0.71 -7.36 -10.71
CA VAL A 261 -2.05 -7.29 -10.14
C VAL A 261 -2.73 -6.03 -10.69
N CYS A 262 -3.75 -6.25 -11.51
CA CYS A 262 -4.48 -5.15 -12.15
C CYS A 262 -5.77 -4.82 -11.39
N LEU A 263 -5.81 -3.61 -10.82
CA LEU A 263 -6.97 -3.16 -10.05
C LEU A 263 -7.96 -2.37 -10.91
N CYS A 264 -9.23 -2.78 -10.85
CA CYS A 264 -10.28 -2.14 -11.66
C CYS A 264 -11.40 -1.56 -10.79
N HIS A 265 -11.42 -0.24 -10.70
CA HIS A 265 -12.40 0.49 -9.90
C HIS A 265 -13.82 0.52 -10.47
N GLY A 266 -14.76 1.02 -9.65
CA GLY A 266 -16.13 1.11 -10.08
C GLY A 266 -16.59 2.50 -10.49
N PHE A 267 -17.91 2.69 -10.50
CA PHE A 267 -18.52 3.95 -10.87
C PHE A 267 -18.94 4.72 -9.63
N PRO A 268 -18.60 6.01 -9.55
CA PRO A 268 -17.85 6.80 -10.54
C PRO A 268 -16.56 7.12 -9.79
N GLU A 269 -15.56 6.26 -9.96
CA GLU A 269 -14.34 6.45 -9.21
C GLU A 269 -13.07 6.73 -10.01
N SER A 270 -11.95 6.09 -9.63
CA SER A 270 -10.68 6.28 -10.31
C SER A 270 -9.62 5.39 -9.69
N TRP A 271 -8.40 5.42 -10.23
CA TRP A 271 -7.34 4.59 -9.67
C TRP A 271 -7.16 4.89 -8.19
N TYR A 272 -7.35 6.16 -7.83
CA TYR A 272 -7.19 6.63 -6.45
C TYR A 272 -8.06 5.92 -5.42
N SER A 273 -9.12 5.26 -5.87
CA SER A 273 -9.99 4.53 -4.97
C SER A 273 -9.25 3.35 -4.35
N TRP A 274 -8.10 2.99 -4.92
CA TRP A 274 -7.28 1.88 -4.40
C TRP A 274 -6.10 2.39 -3.58
N ARG A 275 -6.10 3.69 -3.26
CA ARG A 275 -4.99 4.29 -2.51
C ARG A 275 -4.53 3.52 -1.26
N TYR A 276 -5.45 2.83 -0.60
CA TYR A 276 -5.10 2.08 0.60
C TYR A 276 -4.48 0.71 0.35
N GLN A 277 -4.86 0.06 -0.76
CA GLN A 277 -4.27 -1.25 -1.01
C GLN A 277 -3.05 -1.26 -1.93
N ILE A 278 -2.84 -0.19 -2.70
CA ILE A 278 -1.69 -0.12 -3.59
C ILE A 278 -0.37 -0.27 -2.84
N PRO A 279 -0.13 0.55 -1.81
CA PRO A 279 1.14 0.37 -1.10
C PRO A 279 1.20 -1.00 -0.43
N ALA A 280 0.08 -1.40 0.19
CA ALA A 280 0.02 -2.68 0.87
C ALA A 280 0.30 -3.90 -0.02
N LEU A 281 -0.35 -3.97 -1.19
CA LEU A 281 -0.14 -5.11 -2.07
C LEU A 281 1.27 -5.12 -2.66
N ALA A 282 1.83 -3.94 -2.87
CA ALA A 282 3.19 -3.84 -3.38
C ALA A 282 4.11 -4.33 -2.26
N GLN A 283 3.85 -3.85 -1.06
CA GLN A 283 4.67 -4.26 0.07
C GLN A 283 4.58 -5.78 0.28
N ALA A 284 3.43 -6.35 -0.05
CA ALA A 284 3.23 -7.79 0.10
C ALA A 284 3.93 -8.64 -0.97
N GLY A 285 4.58 -8.00 -1.93
CA GLY A 285 5.27 -8.76 -2.97
C GLY A 285 4.61 -8.82 -4.34
N TYR A 286 3.82 -7.81 -4.68
CA TYR A 286 3.16 -7.79 -5.97
C TYR A 286 3.41 -6.52 -6.75
N ARG A 287 3.27 -6.63 -8.07
CA ARG A 287 3.43 -5.51 -8.99
C ARG A 287 2.02 -5.01 -9.25
N VAL A 288 1.66 -3.90 -8.62
CA VAL A 288 0.32 -3.35 -8.76
C VAL A 288 0.13 -2.35 -9.91
N LEU A 289 -0.92 -2.54 -10.68
CA LEU A 289 -1.25 -1.62 -11.76
C LEU A 289 -2.67 -1.13 -11.48
N ALA A 290 -2.79 0.06 -10.89
CA ALA A 290 -4.10 0.63 -10.57
C ALA A 290 -4.60 1.42 -11.75
N MET A 291 -5.65 0.92 -12.39
CA MET A 291 -6.21 1.56 -13.56
C MET A 291 -7.11 2.77 -13.32
N ASP A 292 -7.25 3.56 -14.37
CA ASP A 292 -8.18 4.66 -14.46
C ASP A 292 -8.93 3.97 -15.59
N MET A 293 -10.08 3.38 -15.30
CA MET A 293 -10.83 2.66 -16.33
C MET A 293 -11.27 3.61 -17.46
N LYS A 294 -11.47 3.05 -18.64
CA LYS A 294 -11.90 3.84 -19.80
C LYS A 294 -13.05 4.76 -19.40
N GLY A 295 -12.92 6.03 -19.74
CA GLY A 295 -13.96 6.99 -19.41
C GLY A 295 -13.61 7.85 -18.21
N TYR A 296 -12.59 7.43 -17.46
CA TYR A 296 -12.17 8.15 -16.26
C TYR A 296 -10.78 8.77 -16.25
N GLY A 297 -10.63 9.76 -15.36
CA GLY A 297 -9.37 10.46 -15.15
C GLY A 297 -8.51 10.77 -16.34
N GLU A 298 -7.31 10.20 -16.33
CA GLU A 298 -6.36 10.41 -17.40
C GLU A 298 -6.50 9.43 -18.55
N SER A 299 -7.47 8.53 -18.46
CA SER A 299 -7.73 7.59 -19.54
C SER A 299 -8.64 8.30 -20.55
N SER A 300 -8.64 7.82 -21.79
CA SER A 300 -9.47 8.42 -22.82
C SER A 300 -10.94 8.25 -22.48
N ALA A 301 -11.76 9.14 -23.03
CA ALA A 301 -13.19 9.09 -22.77
C ALA A 301 -14.00 9.44 -24.02
N PRO A 302 -14.07 8.52 -24.99
CA PRO A 302 -14.85 8.83 -26.19
C PRO A 302 -16.34 8.92 -25.83
N PRO A 303 -17.10 9.73 -26.58
CA PRO A 303 -18.54 9.95 -26.38
C PRO A 303 -19.50 8.82 -26.74
N GLU A 304 -19.16 8.00 -27.72
CA GLU A 304 -20.06 6.93 -28.15
C GLU A 304 -20.34 5.88 -27.09
N ILE A 305 -21.62 5.51 -26.98
CA ILE A 305 -22.09 4.52 -26.03
C ILE A 305 -21.50 3.13 -26.25
N GLU A 306 -21.49 2.67 -27.50
CA GLU A 306 -20.96 1.34 -27.80
C GLU A 306 -19.49 1.19 -27.40
N GLU A 307 -18.82 2.31 -27.16
CA GLU A 307 -17.42 2.26 -26.78
C GLU A 307 -17.26 1.75 -25.35
N TYR A 308 -18.37 1.60 -24.63
CA TYR A 308 -18.31 1.11 -23.25
C TYR A 308 -19.05 -0.20 -22.98
N CYS A 309 -19.34 -0.96 -24.02
CA CYS A 309 -19.99 -2.25 -23.82
C CYS A 309 -18.88 -3.17 -23.32
N MET A 310 -19.21 -4.07 -22.42
CA MET A 310 -18.22 -4.98 -21.84
C MET A 310 -17.31 -5.73 -22.83
N GLU A 311 -17.84 -6.07 -24.00
CA GLU A 311 -17.02 -6.78 -24.99
C GLU A 311 -15.80 -5.95 -25.37
N VAL A 312 -16.05 -4.69 -25.69
CA VAL A 312 -15.00 -3.75 -26.07
C VAL A 312 -14.02 -3.46 -24.93
N LEU A 313 -14.56 -3.13 -23.77
CA LEU A 313 -13.74 -2.82 -22.59
C LEU A 313 -12.80 -3.98 -22.25
N CYS A 314 -13.30 -5.21 -22.35
CA CYS A 314 -12.48 -6.37 -22.04
C CYS A 314 -11.41 -6.55 -23.10
N LYS A 315 -11.77 -6.43 -24.38
CA LYS A 315 -10.80 -6.56 -25.46
C LYS A 315 -9.64 -5.61 -25.21
N GLU A 316 -9.98 -4.36 -24.90
CA GLU A 316 -8.96 -3.33 -24.64
C GLU A 316 -8.04 -3.73 -23.49
N MET A 317 -8.60 -4.36 -22.47
CA MET A 317 -7.78 -4.80 -21.34
C MET A 317 -6.79 -5.89 -21.75
N VAL A 318 -7.16 -6.70 -22.74
CA VAL A 318 -6.29 -7.75 -23.24
C VAL A 318 -5.15 -7.06 -24.02
N THR A 319 -5.52 -6.11 -24.87
CA THR A 319 -4.56 -5.35 -25.65
C THR A 319 -3.60 -4.62 -24.70
N PHE A 320 -4.16 -4.13 -23.60
CA PHE A 320 -3.39 -3.42 -22.57
C PHE A 320 -2.31 -4.38 -22.05
N LEU A 321 -2.70 -5.62 -21.80
CA LEU A 321 -1.74 -6.62 -21.33
C LEU A 321 -0.70 -6.89 -22.44
N ASP A 322 -1.18 -7.03 -23.69
CA ASP A 322 -0.29 -7.28 -24.82
C ASP A 322 0.78 -6.19 -24.94
N LYS A 323 0.33 -4.94 -25.00
CA LYS A 323 1.25 -3.81 -25.13
C LYS A 323 2.29 -3.79 -24.01
N LEU A 324 1.88 -4.07 -22.77
CA LEU A 324 2.79 -4.06 -21.63
C LEU A 324 3.66 -5.31 -21.61
N GLY A 325 3.41 -6.25 -22.50
CA GLY A 325 4.19 -7.47 -22.55
C GLY A 325 3.90 -8.42 -21.41
N LEU A 326 2.64 -8.45 -20.96
CA LEU A 326 2.24 -9.34 -19.87
C LEU A 326 1.35 -10.45 -20.41
N SER A 327 1.76 -11.71 -20.19
CA SER A 327 0.95 -12.83 -20.67
C SER A 327 -0.26 -13.00 -19.76
N GLN A 328 -0.11 -12.62 -18.49
CA GLN A 328 -1.19 -12.70 -17.52
C GLN A 328 -1.13 -11.58 -16.48
N ALA A 329 -2.20 -11.50 -15.70
CA ALA A 329 -2.33 -10.55 -14.61
C ALA A 329 -3.50 -10.99 -13.78
N VAL A 330 -3.39 -10.78 -12.48
CA VAL A 330 -4.48 -11.09 -11.57
C VAL A 330 -5.41 -9.89 -11.72
N PHE A 331 -6.70 -10.14 -11.90
CA PHE A 331 -7.64 -9.03 -12.04
C PHE A 331 -8.54 -8.92 -10.81
N ILE A 332 -8.48 -7.77 -10.15
CA ILE A 332 -9.29 -7.52 -8.98
C ILE A 332 -10.14 -6.31 -9.30
N GLY A 333 -11.45 -6.47 -9.25
CA GLY A 333 -12.33 -5.36 -9.55
C GLY A 333 -13.32 -5.09 -8.44
N HIS A 334 -13.92 -3.90 -8.49
CA HIS A 334 -14.92 -3.49 -7.51
C HIS A 334 -16.04 -2.79 -8.27
N ASP A 335 -17.29 -3.12 -7.93
CA ASP A 335 -18.45 -2.53 -8.59
C ASP A 335 -18.40 -2.87 -10.09
N TRP A 336 -18.55 -1.87 -10.96
CA TRP A 336 -18.51 -2.16 -12.40
C TRP A 336 -17.21 -2.85 -12.78
N GLY A 337 -16.14 -2.52 -12.07
CA GLY A 337 -14.86 -3.15 -12.34
C GLY A 337 -14.95 -4.64 -12.04
N GLY A 338 -15.69 -4.97 -10.97
CA GLY A 338 -15.85 -6.37 -10.59
C GLY A 338 -16.58 -7.13 -11.67
N MET A 339 -17.55 -6.48 -12.30
CA MET A 339 -18.32 -7.12 -13.37
C MET A 339 -17.36 -7.40 -14.53
N LEU A 340 -16.44 -6.47 -14.77
CA LEU A 340 -15.46 -6.58 -15.85
C LEU A 340 -14.48 -7.75 -15.64
N VAL A 341 -14.01 -7.97 -14.41
CA VAL A 341 -13.07 -9.08 -14.21
C VAL A 341 -13.75 -10.45 -14.34
N TRP A 342 -15.02 -10.57 -13.95
CA TRP A 342 -15.69 -11.85 -14.08
C TRP A 342 -15.75 -12.19 -15.56
N TYR A 343 -15.98 -11.19 -16.39
CA TYR A 343 -16.05 -11.46 -17.82
C TYR A 343 -14.69 -11.66 -18.47
N MET A 344 -13.64 -11.11 -17.84
CA MET A 344 -12.28 -11.31 -18.34
C MET A 344 -11.98 -12.79 -18.09
N ALA A 345 -12.42 -13.30 -16.93
CA ALA A 345 -12.17 -14.70 -16.58
C ALA A 345 -12.96 -15.67 -17.46
N LEU A 346 -14.13 -15.23 -17.91
CA LEU A 346 -14.99 -16.05 -18.76
C LEU A 346 -14.56 -16.08 -20.22
N PHE A 347 -14.04 -14.97 -20.73
CA PHE A 347 -13.64 -14.90 -22.13
C PHE A 347 -12.13 -14.94 -22.39
N TYR A 348 -11.33 -14.75 -21.35
CA TYR A 348 -9.88 -14.78 -21.53
C TYR A 348 -9.14 -15.43 -20.35
N PRO A 349 -9.52 -16.68 -20.00
CA PRO A 349 -8.90 -17.43 -18.90
C PRO A 349 -7.39 -17.49 -19.05
N GLU A 350 -6.94 -17.54 -20.29
CA GLU A 350 -5.52 -17.60 -20.63
C GLU A 350 -4.78 -16.39 -20.08
N ARG A 351 -5.47 -15.26 -19.98
CA ARG A 351 -4.87 -14.01 -19.51
C ARG A 351 -5.02 -13.67 -18.06
N VAL A 352 -5.91 -14.38 -17.37
CA VAL A 352 -6.15 -14.10 -15.97
C VAL A 352 -5.54 -15.14 -15.04
N ARG A 353 -4.54 -14.72 -14.28
CA ARG A 353 -3.86 -15.60 -13.33
C ARG A 353 -4.86 -16.00 -12.25
N ALA A 354 -5.69 -15.04 -11.85
CA ALA A 354 -6.71 -15.24 -10.82
C ALA A 354 -7.68 -14.06 -10.88
N VAL A 355 -8.89 -14.25 -10.38
CA VAL A 355 -9.88 -13.19 -10.43
C VAL A 355 -10.54 -12.98 -9.07
N ALA A 356 -10.70 -11.70 -8.71
CA ALA A 356 -11.32 -11.35 -7.44
C ALA A 356 -12.26 -10.17 -7.62
N SER A 357 -13.41 -10.24 -6.95
CA SER A 357 -14.39 -9.17 -7.03
C SER A 357 -14.87 -8.72 -5.65
N LEU A 358 -15.02 -7.42 -5.48
CA LEU A 358 -15.52 -6.86 -4.23
C LEU A 358 -16.94 -6.39 -4.50
N ASN A 359 -17.89 -6.85 -3.68
CA ASN A 359 -19.30 -6.46 -3.81
C ASN A 359 -20.06 -7.00 -5.02
N THR A 360 -19.46 -6.95 -6.20
CA THR A 360 -20.12 -7.41 -7.42
C THR A 360 -20.08 -8.94 -7.58
N PRO A 361 -21.25 -9.59 -7.57
CA PRO A 361 -21.32 -11.04 -7.71
C PRO A 361 -21.39 -11.46 -9.17
N PHE A 362 -21.19 -12.75 -9.43
CA PHE A 362 -21.29 -13.21 -10.80
C PHE A 362 -22.64 -13.92 -10.98
N ILE A 363 -23.49 -13.36 -11.82
CA ILE A 363 -24.79 -13.95 -12.08
C ILE A 363 -24.94 -14.14 -13.58
N PRO A 364 -24.98 -15.40 -14.03
CA PRO A 364 -25.11 -15.67 -15.47
C PRO A 364 -26.37 -15.07 -16.05
N ALA A 365 -26.25 -14.47 -17.23
CA ALA A 365 -27.37 -13.83 -17.90
C ALA A 365 -28.52 -14.81 -18.09
N ASN A 366 -29.74 -14.28 -18.03
CA ASN A 366 -30.95 -15.08 -18.22
C ASN A 366 -31.36 -14.96 -19.68
N PRO A 367 -31.24 -16.05 -20.45
CA PRO A 367 -31.57 -16.12 -21.87
C PRO A 367 -33.01 -15.72 -22.23
N ASN A 368 -33.92 -15.87 -21.26
CA ASN A 368 -35.32 -15.58 -21.51
C ASN A 368 -35.75 -14.14 -21.23
N MET A 369 -35.24 -13.55 -20.16
CA MET A 369 -35.61 -12.19 -19.82
C MET A 369 -34.65 -11.13 -20.34
N SER A 370 -35.21 -10.03 -20.83
CA SER A 370 -34.38 -8.95 -21.34
C SER A 370 -33.78 -8.28 -20.11
N PRO A 371 -32.56 -7.75 -20.24
CA PRO A 371 -31.87 -7.09 -19.13
C PRO A 371 -32.73 -6.01 -18.47
N LEU A 372 -33.37 -5.19 -19.30
CA LEU A 372 -34.22 -4.12 -18.80
C LEU A 372 -35.37 -4.66 -17.98
N GLU A 373 -35.97 -5.77 -18.42
CA GLU A 373 -37.07 -6.37 -17.69
C GLU A 373 -36.53 -6.75 -16.30
N SER A 374 -35.37 -7.40 -16.30
CA SER A 374 -34.74 -7.84 -15.06
C SER A 374 -34.42 -6.69 -14.13
N ILE A 375 -33.94 -5.58 -14.70
CA ILE A 375 -33.59 -4.42 -13.90
C ILE A 375 -34.81 -3.78 -13.23
N LYS A 376 -35.93 -3.74 -13.94
CA LYS A 376 -37.14 -3.17 -13.38
C LYS A 376 -37.70 -4.02 -12.24
N ALA A 377 -37.35 -5.30 -12.23
CA ALA A 377 -37.82 -6.21 -11.20
C ALA A 377 -37.13 -6.01 -9.84
N ASN A 378 -36.11 -5.16 -9.80
CA ASN A 378 -35.39 -4.92 -8.55
C ASN A 378 -35.42 -3.43 -8.20
N PRO A 379 -36.32 -3.04 -7.28
CA PRO A 379 -36.54 -1.68 -6.80
C PRO A 379 -35.27 -0.86 -6.60
N VAL A 380 -34.27 -1.45 -5.97
CA VAL A 380 -33.02 -0.74 -5.71
C VAL A 380 -32.24 -0.37 -6.97
N PHE A 381 -32.58 -0.99 -8.11
CA PHE A 381 -31.90 -0.72 -9.37
C PHE A 381 -32.63 0.32 -10.22
N ASP A 382 -33.54 1.08 -9.60
CA ASP A 382 -34.29 2.10 -10.33
C ASP A 382 -33.36 3.18 -10.90
N TYR A 383 -32.37 3.55 -10.11
CA TYR A 383 -31.41 4.57 -10.52
C TYR A 383 -30.76 4.20 -11.86
N GLN A 384 -30.65 2.90 -12.15
CA GLN A 384 -30.08 2.46 -13.42
C GLN A 384 -30.97 2.92 -14.58
N LEU A 385 -32.28 2.87 -14.41
CA LEU A 385 -33.17 3.32 -15.47
C LEU A 385 -32.96 4.83 -15.64
N TYR A 386 -32.74 5.52 -14.52
CA TYR A 386 -32.51 6.96 -14.54
C TYR A 386 -31.24 7.31 -15.32
N PHE A 387 -30.28 6.38 -15.31
CA PHE A 387 -29.01 6.59 -16.01
C PHE A 387 -29.09 6.38 -17.52
N GLN A 388 -30.16 5.76 -17.99
CA GLN A 388 -30.31 5.47 -19.42
C GLN A 388 -30.31 6.64 -20.41
N GLU A 389 -31.24 7.58 -20.28
CA GLU A 389 -31.33 8.71 -21.20
C GLU A 389 -30.08 9.60 -21.15
N PRO A 390 -29.35 9.68 -22.27
CA PRO A 390 -28.13 10.49 -22.39
C PRO A 390 -28.30 11.96 -22.06
N GLY A 391 -27.42 12.47 -21.18
CA GLY A 391 -27.46 13.87 -20.81
C GLY A 391 -28.17 14.23 -19.51
N VAL A 392 -29.20 13.47 -19.14
CA VAL A 392 -29.94 13.77 -17.93
C VAL A 392 -29.11 13.64 -16.66
N ALA A 393 -28.58 12.44 -16.42
CA ALA A 393 -27.77 12.21 -15.23
C ALA A 393 -26.48 13.02 -15.32
N GLU A 394 -25.99 13.25 -16.54
CA GLU A 394 -24.76 14.03 -16.71
C GLU A 394 -24.92 15.42 -16.10
N ALA A 395 -26.06 16.04 -16.36
CA ALA A 395 -26.34 17.38 -15.88
C ALA A 395 -26.39 17.48 -14.36
N GLU A 396 -27.07 16.54 -13.72
CA GLU A 396 -27.17 16.56 -12.28
C GLU A 396 -25.82 16.28 -11.61
N LEU A 397 -25.13 15.23 -12.05
CA LEU A 397 -23.84 14.88 -11.47
C LEU A 397 -22.75 15.91 -11.73
N GLU A 398 -22.83 16.63 -12.84
CA GLU A 398 -21.83 17.64 -13.19
C GLU A 398 -22.11 19.05 -12.64
N GLN A 399 -23.35 19.32 -12.23
CA GLN A 399 -23.70 20.65 -11.72
C GLN A 399 -22.82 21.13 -10.58
N ASN A 400 -22.57 20.26 -9.60
CA ASN A 400 -21.74 20.58 -8.45
C ASN A 400 -20.96 19.35 -8.07
N LEU A 401 -19.77 19.20 -8.67
CA LEU A 401 -18.90 18.06 -8.44
C LEU A 401 -18.59 17.73 -6.98
N SER A 402 -18.25 18.75 -6.21
CA SER A 402 -17.93 18.54 -4.81
C SER A 402 -19.11 17.88 -4.08
N ARG A 403 -20.30 18.39 -4.35
CA ARG A 403 -21.53 17.88 -3.73
C ARG A 403 -21.78 16.44 -4.16
N THR A 404 -21.54 16.16 -5.45
CA THR A 404 -21.74 14.82 -6.00
C THR A 404 -20.95 13.76 -5.26
N PHE A 405 -19.66 14.00 -5.06
CA PHE A 405 -18.84 13.01 -4.37
C PHE A 405 -19.04 12.99 -2.87
N LYS A 406 -19.35 14.15 -2.30
CA LYS A 406 -19.59 14.20 -0.87
C LYS A 406 -20.91 13.48 -0.57
N SER A 407 -21.84 13.56 -1.52
CA SER A 407 -23.15 12.92 -1.38
C SER A 407 -23.07 11.41 -1.60
N LEU A 408 -22.22 10.98 -2.53
CA LEU A 408 -22.06 9.56 -2.84
C LEU A 408 -21.19 8.82 -1.83
N PHE A 409 -19.95 9.27 -1.66
CA PHE A 409 -19.00 8.63 -0.76
C PHE A 409 -19.37 8.72 0.71
N ARG A 410 -20.20 7.78 1.17
CA ARG A 410 -20.63 7.78 2.55
C ARG A 410 -20.68 6.39 3.17
N ALA A 411 -20.29 6.31 4.44
CA ALA A 411 -20.30 5.05 5.18
C ALA A 411 -21.75 4.67 5.46
N SER A 412 -21.97 3.41 5.83
CA SER A 412 -23.32 2.94 6.09
C SER A 412 -24.03 3.68 7.21
N ASP A 413 -23.30 4.04 8.26
CA ASP A 413 -23.91 4.75 9.39
C ASP A 413 -24.09 6.23 9.10
N GLU A 414 -23.76 6.65 7.88
CA GLU A 414 -23.91 8.04 7.50
C GLU A 414 -25.14 8.20 6.61
N SER A 415 -25.46 9.44 6.23
CA SER A 415 -26.62 9.71 5.40
C SER A 415 -26.51 9.20 3.97
N VAL A 416 -26.55 7.89 3.79
CA VAL A 416 -26.44 7.31 2.45
C VAL A 416 -27.63 7.66 1.55
N LEU A 417 -27.34 7.94 0.28
CA LEU A 417 -28.37 8.30 -0.70
C LEU A 417 -29.47 7.27 -0.88
N SER A 418 -30.72 7.74 -0.94
CA SER A 418 -31.84 6.85 -1.16
C SER A 418 -31.78 6.37 -2.61
N MET A 419 -31.96 5.07 -2.80
CA MET A 419 -31.89 4.48 -4.13
C MET A 419 -33.23 3.86 -4.54
N HIS A 420 -34.35 4.40 -4.04
CA HIS A 420 -35.65 3.82 -4.35
C HIS A 420 -36.40 4.35 -5.57
N LYS A 421 -36.97 5.54 -5.46
CA LYS A 421 -37.71 6.13 -6.56
C LYS A 421 -36.97 7.32 -7.15
N VAL A 422 -35.80 7.05 -7.71
CA VAL A 422 -34.98 8.11 -8.28
C VAL A 422 -35.63 8.71 -9.52
N CYS A 423 -36.13 7.87 -10.41
CA CYS A 423 -36.78 8.36 -11.62
C CYS A 423 -38.03 9.16 -11.24
N GLU A 424 -38.85 8.60 -10.37
CA GLU A 424 -40.07 9.27 -9.91
C GLU A 424 -39.69 10.58 -9.23
N ALA A 425 -38.66 10.53 -8.40
CA ALA A 425 -38.19 11.71 -7.70
C ALA A 425 -37.68 12.75 -8.67
N GLY A 426 -37.31 12.31 -9.86
CA GLY A 426 -36.80 13.22 -10.87
C GLY A 426 -35.30 13.45 -10.79
N GLY A 427 -34.66 12.83 -9.81
CA GLY A 427 -33.23 13.01 -9.67
C GLY A 427 -32.60 12.10 -8.63
N LEU A 428 -31.29 12.20 -8.48
CA LEU A 428 -30.56 11.39 -7.53
C LEU A 428 -30.29 12.13 -6.23
N PHE A 429 -30.19 13.46 -6.32
CA PHE A 429 -29.92 14.31 -5.16
C PHE A 429 -31.09 15.23 -4.82
N VAL A 430 -32.28 14.91 -5.33
CA VAL A 430 -33.46 15.72 -5.09
C VAL A 430 -33.78 15.92 -3.61
N ASN A 431 -33.45 14.92 -2.79
CA ASN A 431 -33.70 15.01 -1.35
C ASN A 431 -32.42 15.14 -0.56
N SER A 432 -31.37 15.65 -1.20
CA SER A 432 -30.08 15.81 -0.53
C SER A 432 -29.75 17.27 -0.26
N PRO A 433 -28.99 17.53 0.82
CA PRO A 433 -28.62 18.91 1.14
C PRO A 433 -27.65 19.47 0.10
N GLU A 434 -27.56 20.78 0.01
CA GLU A 434 -26.67 21.42 -0.95
C GLU A 434 -25.22 21.28 -0.51
N GLU A 435 -24.99 21.33 0.79
CA GLU A 435 -23.65 21.19 1.30
C GLU A 435 -23.57 19.96 2.20
N PRO A 436 -23.36 18.78 1.59
CA PRO A 436 -23.27 17.53 2.35
C PRO A 436 -22.13 17.60 3.35
N SER A 437 -22.30 16.94 4.49
CA SER A 437 -21.24 16.92 5.49
C SER A 437 -20.13 16.05 4.93
N LEU A 438 -18.94 16.15 5.51
CA LEU A 438 -17.80 15.35 5.06
C LEU A 438 -17.82 13.98 5.73
N SER A 439 -17.84 12.93 4.91
CA SER A 439 -17.83 11.57 5.46
C SER A 439 -16.54 11.27 6.21
N ARG A 440 -16.66 10.40 7.21
CA ARG A 440 -15.52 9.99 8.02
C ARG A 440 -14.50 9.26 7.15
N MET A 441 -14.97 8.68 6.05
CA MET A 441 -14.12 7.93 5.12
C MET A 441 -13.20 8.76 4.24
N VAL A 442 -13.46 10.05 4.12
CA VAL A 442 -12.63 10.89 3.25
C VAL A 442 -12.36 12.31 3.76
N THR A 443 -11.18 12.83 3.43
CA THR A 443 -10.81 14.18 3.83
C THR A 443 -11.27 15.14 2.73
N GLU A 444 -11.25 16.43 3.03
CA GLU A 444 -11.65 17.43 2.07
C GLU A 444 -10.73 17.40 0.86
N GLU A 445 -9.44 17.15 1.09
CA GLU A 445 -8.46 17.08 0.01
C GLU A 445 -8.74 15.93 -0.96
N GLU A 446 -9.07 14.77 -0.41
CA GLU A 446 -9.35 13.61 -1.23
C GLU A 446 -10.57 13.85 -2.14
N ILE A 447 -11.61 14.47 -1.59
CA ILE A 447 -12.80 14.77 -2.39
C ILE A 447 -12.36 15.63 -3.57
N GLN A 448 -11.61 16.69 -3.27
CA GLN A 448 -11.13 17.59 -4.31
C GLN A 448 -10.26 16.88 -5.35
N PHE A 449 -9.69 15.74 -5.01
CA PHE A 449 -8.90 15.00 -5.99
C PHE A 449 -9.87 14.45 -7.02
N TYR A 450 -10.94 13.82 -6.54
CA TYR A 450 -11.95 13.29 -7.44
C TYR A 450 -12.53 14.42 -8.27
N VAL A 451 -12.79 15.55 -7.61
CA VAL A 451 -13.34 16.71 -8.30
C VAL A 451 -12.48 17.09 -9.50
N GLN A 452 -11.17 17.24 -9.30
CA GLN A 452 -10.30 17.61 -10.41
C GLN A 452 -10.27 16.55 -11.50
N GLN A 453 -10.18 15.28 -11.11
CA GLN A 453 -10.16 14.20 -12.09
C GLN A 453 -11.38 14.27 -12.99
N PHE A 454 -12.57 14.42 -12.40
CA PHE A 454 -13.79 14.48 -13.19
C PHE A 454 -14.06 15.78 -13.95
N LYS A 455 -13.25 16.82 -13.73
CA LYS A 455 -13.44 18.07 -14.47
C LYS A 455 -12.94 17.90 -15.89
N LYS A 456 -12.17 16.84 -16.13
CA LYS A 456 -11.64 16.61 -17.47
C LYS A 456 -12.64 16.01 -18.45
N SER A 457 -13.32 14.94 -18.06
CA SER A 457 -14.26 14.31 -18.98
C SER A 457 -15.72 14.24 -18.51
N GLY A 458 -15.96 14.52 -17.24
CA GLY A 458 -17.33 14.46 -16.76
C GLY A 458 -17.87 13.04 -16.63
N PHE A 459 -19.18 12.92 -16.53
CA PHE A 459 -19.85 11.64 -16.35
C PHE A 459 -20.39 10.92 -17.56
N ARG A 460 -20.23 11.49 -18.75
CA ARG A 460 -20.75 10.84 -19.96
C ARG A 460 -20.15 9.45 -20.18
N GLY A 461 -18.82 9.38 -20.29
CA GLY A 461 -18.18 8.09 -20.49
C GLY A 461 -18.48 7.15 -19.34
N PRO A 462 -18.38 7.65 -18.10
CA PRO A 462 -18.67 6.80 -16.94
C PRO A 462 -20.09 6.25 -17.00
N LEU A 463 -21.05 7.13 -17.24
CA LEU A 463 -22.46 6.72 -17.31
C LEU A 463 -22.72 5.75 -18.45
N ASN A 464 -21.99 5.90 -19.55
CA ASN A 464 -22.17 5.00 -20.70
C ASN A 464 -21.96 3.54 -20.31
N TRP A 465 -21.31 3.30 -19.18
CA TRP A 465 -21.09 1.92 -18.71
C TRP A 465 -22.43 1.23 -18.42
N TYR A 466 -23.46 2.04 -18.18
CA TYR A 466 -24.81 1.57 -17.87
C TYR A 466 -25.70 1.48 -19.10
N ARG A 467 -25.23 2.03 -20.22
CA ARG A 467 -26.04 2.06 -21.44
C ARG A 467 -25.78 0.99 -22.50
N ASN A 468 -25.38 -0.19 -22.08
CA ASN A 468 -25.11 -1.30 -22.98
C ASN A 468 -25.72 -2.59 -22.40
N MET A 469 -26.82 -2.46 -21.68
CA MET A 469 -27.46 -3.63 -21.07
C MET A 469 -27.79 -4.75 -22.05
N GLU A 470 -28.52 -4.44 -23.11
CA GLU A 470 -28.87 -5.43 -24.12
C GLU A 470 -27.61 -6.01 -24.78
N ARG A 471 -26.70 -5.13 -25.16
CA ARG A 471 -25.47 -5.53 -25.81
C ARG A 471 -24.64 -6.46 -24.92
N ASN A 472 -24.47 -6.10 -23.64
CA ASN A 472 -23.69 -6.94 -22.74
C ASN A 472 -24.44 -8.25 -22.51
N TRP A 473 -25.76 -8.18 -22.48
CA TRP A 473 -26.61 -9.36 -22.27
C TRP A 473 -26.36 -10.38 -23.38
N LYS A 474 -26.41 -9.92 -24.63
CA LYS A 474 -26.19 -10.81 -25.76
C LYS A 474 -24.82 -11.47 -25.71
N TRP A 475 -23.80 -10.66 -25.43
CA TRP A 475 -22.44 -11.18 -25.37
C TRP A 475 -22.33 -12.20 -24.24
N ALA A 476 -22.92 -11.90 -23.09
CA ALA A 476 -22.87 -12.79 -21.94
C ALA A 476 -23.52 -14.15 -22.23
N CYS A 477 -24.63 -14.15 -22.98
CA CYS A 477 -25.32 -15.38 -23.30
C CYS A 477 -24.43 -16.39 -24.03
N LYS A 478 -23.32 -15.90 -24.59
CA LYS A 478 -22.40 -16.77 -25.31
C LYS A 478 -21.55 -17.62 -24.36
N SER A 479 -21.56 -17.27 -23.08
CA SER A 479 -20.75 -18.00 -22.11
C SER A 479 -21.56 -18.86 -21.16
N LEU A 480 -22.88 -18.92 -21.37
CA LEU A 480 -23.76 -19.69 -20.49
C LEU A 480 -23.41 -21.16 -20.33
N GLY A 481 -22.55 -21.68 -21.22
CA GLY A 481 -22.18 -23.08 -21.11
C GLY A 481 -20.88 -23.30 -20.36
N ARG A 482 -20.15 -22.21 -20.12
CA ARG A 482 -18.86 -22.28 -19.45
C ARG A 482 -18.96 -22.17 -17.93
N LYS A 483 -17.81 -22.31 -17.29
CA LYS A 483 -17.71 -22.18 -15.85
C LYS A 483 -16.36 -21.56 -15.53
N ILE A 484 -16.28 -20.85 -14.41
CA ILE A 484 -15.03 -20.23 -14.00
C ILE A 484 -14.26 -21.30 -13.24
N LEU A 485 -13.12 -21.71 -13.78
CA LEU A 485 -12.34 -22.77 -13.15
C LEU A 485 -10.94 -22.34 -12.71
N ILE A 486 -10.66 -21.05 -12.86
CA ILE A 486 -9.38 -20.49 -12.44
C ILE A 486 -9.58 -20.00 -11.01
N PRO A 487 -8.49 -19.71 -10.29
CA PRO A 487 -8.62 -19.23 -8.91
C PRO A 487 -9.51 -18.00 -8.85
N ALA A 488 -10.50 -18.02 -7.97
CA ALA A 488 -11.43 -16.91 -7.86
C ALA A 488 -11.80 -16.56 -6.41
N LEU A 489 -12.04 -15.27 -6.16
CA LEU A 489 -12.39 -14.78 -4.83
C LEU A 489 -13.55 -13.80 -4.93
N MET A 490 -14.58 -14.01 -4.11
CA MET A 490 -15.74 -13.14 -4.06
C MET A 490 -15.76 -12.53 -2.68
N VAL A 491 -15.74 -11.20 -2.59
CA VAL A 491 -15.77 -10.54 -1.30
C VAL A 491 -17.07 -9.76 -1.18
N THR A 492 -17.88 -10.10 -0.19
CA THR A 492 -19.16 -9.41 0.02
C THR A 492 -19.09 -8.35 1.12
N ALA A 493 -19.92 -7.33 0.98
CA ALA A 493 -19.98 -6.22 1.94
C ALA A 493 -21.35 -6.20 2.60
N GLU A 494 -21.37 -6.48 3.90
CA GLU A 494 -22.63 -6.54 4.66
C GLU A 494 -23.64 -5.41 4.43
N LYS A 495 -23.19 -4.18 4.54
CA LYS A 495 -24.09 -3.03 4.39
C LYS A 495 -24.22 -2.43 3.00
N ASP A 496 -23.77 -3.14 1.96
CA ASP A 496 -23.93 -2.60 0.61
C ASP A 496 -25.37 -2.92 0.21
N PHE A 497 -26.22 -1.90 0.22
CA PHE A 497 -27.63 -2.08 -0.09
C PHE A 497 -28.00 -2.15 -1.56
N VAL A 498 -27.04 -1.99 -2.45
CA VAL A 498 -27.30 -2.12 -3.88
C VAL A 498 -26.71 -3.45 -4.32
N LEU A 499 -25.44 -3.69 -3.98
CA LEU A 499 -24.77 -4.94 -4.29
C LEU A 499 -24.77 -5.76 -3.00
N VAL A 500 -25.94 -6.31 -2.69
CA VAL A 500 -26.19 -7.11 -1.50
C VAL A 500 -25.52 -8.47 -1.52
N PRO A 501 -25.00 -8.93 -0.37
CA PRO A 501 -24.33 -10.22 -0.24
C PRO A 501 -25.15 -11.40 -0.77
N GLN A 502 -26.42 -11.47 -0.38
CA GLN A 502 -27.31 -12.56 -0.82
C GLN A 502 -27.28 -12.75 -2.33
N MET A 503 -27.06 -11.67 -3.07
CA MET A 503 -27.01 -11.71 -4.52
C MET A 503 -25.95 -12.69 -5.05
N SER A 504 -24.98 -13.04 -4.22
CA SER A 504 -23.91 -13.96 -4.65
C SER A 504 -24.03 -15.37 -4.08
N GLN A 505 -25.13 -15.65 -3.39
CA GLN A 505 -25.33 -16.96 -2.76
C GLN A 505 -25.25 -18.20 -3.65
N HIS A 506 -25.50 -18.03 -4.94
CA HIS A 506 -25.46 -19.19 -5.84
C HIS A 506 -24.25 -19.25 -6.76
N MET A 507 -23.26 -18.41 -6.49
CA MET A 507 -22.06 -18.37 -7.32
C MET A 507 -21.30 -19.69 -7.47
N GLU A 508 -21.26 -20.53 -6.45
CA GLU A 508 -20.53 -21.79 -6.56
C GLU A 508 -21.05 -22.73 -7.66
N ASP A 509 -22.27 -22.52 -8.13
CA ASP A 509 -22.81 -23.35 -9.20
C ASP A 509 -22.02 -23.14 -10.49
N TRP A 510 -21.50 -21.94 -10.67
CA TRP A 510 -20.73 -21.62 -11.86
C TRP A 510 -19.25 -21.49 -11.56
N ILE A 511 -18.93 -21.40 -10.28
CA ILE A 511 -17.55 -21.27 -9.82
C ILE A 511 -17.35 -22.19 -8.60
N PRO A 512 -17.29 -23.51 -8.84
CA PRO A 512 -17.12 -24.58 -7.84
C PRO A 512 -16.06 -24.36 -6.78
N HIS A 513 -14.87 -23.95 -7.21
CA HIS A 513 -13.75 -23.73 -6.31
C HIS A 513 -13.67 -22.33 -5.71
N LEU A 514 -14.73 -21.55 -5.89
CA LEU A 514 -14.76 -20.18 -5.37
C LEU A 514 -14.39 -20.04 -3.89
N LYS A 515 -13.56 -19.03 -3.62
CA LYS A 515 -13.14 -18.72 -2.26
C LYS A 515 -13.87 -17.43 -1.89
N ARG A 516 -14.22 -17.28 -0.62
CA ARG A 516 -14.96 -16.11 -0.18
C ARG A 516 -14.31 -15.24 0.88
N GLY A 517 -14.90 -14.07 1.06
CA GLY A 517 -14.47 -13.10 2.04
C GLY A 517 -15.70 -12.28 2.37
N HIS A 518 -15.84 -11.87 3.62
CA HIS A 518 -16.99 -11.07 4.02
C HIS A 518 -16.58 -10.00 5.04
N ILE A 519 -17.00 -8.77 4.80
CA ILE A 519 -16.66 -7.67 5.69
C ILE A 519 -17.89 -7.11 6.41
N GLU A 520 -17.81 -7.09 7.74
CA GLU A 520 -18.89 -6.61 8.59
C GLU A 520 -18.91 -5.08 8.63
N ASP A 521 -20.11 -4.52 8.81
CA ASP A 521 -20.30 -3.07 8.90
C ASP A 521 -19.55 -2.32 7.81
N CYS A 522 -19.67 -2.80 6.58
CA CYS A 522 -19.01 -2.18 5.44
C CYS A 522 -20.00 -1.79 4.35
N GLY A 523 -19.94 -0.53 3.92
CA GLY A 523 -20.84 -0.06 2.89
C GLY A 523 -20.44 -0.43 1.48
N HIS A 524 -20.91 0.34 0.51
CA HIS A 524 -20.61 0.10 -0.89
C HIS A 524 -19.17 0.43 -1.28
N TRP A 525 -18.65 1.52 -0.74
CA TRP A 525 -17.29 1.98 -1.04
C TRP A 525 -16.30 1.18 -0.21
N THR A 526 -16.33 -0.13 -0.44
CA THR A 526 -15.51 -1.10 0.28
C THR A 526 -14.05 -0.75 0.58
N GLN A 527 -13.31 -0.27 -0.42
CA GLN A 527 -11.90 0.06 -0.22
C GLN A 527 -11.68 1.18 0.80
N MET A 528 -12.53 2.21 0.74
CA MET A 528 -12.48 3.38 1.62
C MET A 528 -13.04 3.09 3.00
N ASP A 529 -14.07 2.25 3.01
CA ASP A 529 -14.78 1.89 4.23
C ASP A 529 -13.97 1.04 5.19
N LYS A 530 -13.51 -0.10 4.71
CA LYS A 530 -12.72 -1.03 5.52
C LYS A 530 -11.41 -1.42 4.84
N PRO A 531 -10.54 -0.42 4.58
CA PRO A 531 -9.24 -0.64 3.93
C PRO A 531 -8.35 -1.68 4.60
N THR A 532 -8.33 -1.67 5.92
CA THR A 532 -7.52 -2.62 6.65
C THR A 532 -8.00 -4.06 6.44
N GLU A 533 -9.32 -4.25 6.40
CA GLU A 533 -9.89 -5.59 6.20
C GLU A 533 -9.70 -6.06 4.77
N VAL A 534 -9.82 -5.15 3.81
CA VAL A 534 -9.67 -5.51 2.41
C VAL A 534 -8.26 -6.04 2.14
N ASN A 535 -7.25 -5.27 2.56
CA ASN A 535 -5.86 -5.65 2.34
C ASN A 535 -5.56 -7.02 2.92
N GLN A 536 -6.05 -7.26 4.12
CA GLN A 536 -5.83 -8.53 4.79
C GLN A 536 -6.47 -9.69 3.99
N ILE A 537 -7.66 -9.46 3.46
CA ILE A 537 -8.34 -10.49 2.68
C ILE A 537 -7.70 -10.75 1.31
N LEU A 538 -7.33 -9.68 0.60
CA LEU A 538 -6.71 -9.83 -0.72
C LEU A 538 -5.30 -10.43 -0.63
N ILE A 539 -4.51 -9.97 0.34
CA ILE A 539 -3.15 -10.45 0.50
C ILE A 539 -3.12 -11.94 0.85
N LYS A 540 -3.99 -12.36 1.74
CA LYS A 540 -4.10 -13.74 2.16
C LYS A 540 -4.49 -14.64 0.98
N TRP A 541 -5.40 -14.15 0.15
CA TRP A 541 -5.87 -14.89 -1.03
C TRP A 541 -4.78 -14.90 -2.10
N LEU A 542 -4.16 -13.75 -2.34
CA LEU A 542 -3.10 -13.65 -3.35
C LEU A 542 -1.95 -14.61 -3.04
N ASP A 543 -1.52 -14.62 -1.79
CA ASP A 543 -0.41 -15.49 -1.40
C ASP A 543 -0.72 -16.97 -1.50
N SER A 544 -1.99 -17.34 -1.36
CA SER A 544 -2.36 -18.75 -1.42
C SER A 544 -2.83 -19.21 -2.79
N ASP A 545 -3.55 -18.36 -3.52
CA ASP A 545 -4.08 -18.75 -4.82
C ASP A 545 -3.52 -18.04 -6.05
N ALA A 546 -2.79 -16.94 -5.85
CA ALA A 546 -2.26 -16.19 -6.97
C ALA A 546 -0.76 -16.30 -7.20
N ARG A 547 0.01 -16.40 -6.12
CA ARG A 547 1.45 -16.49 -6.25
C ARG A 547 1.91 -17.91 -6.56
N ASN A 548 1.36 -18.89 -5.86
CA ASN A 548 1.72 -20.29 -6.07
C ASN A 548 3.17 -20.56 -5.67
MG MG B . 21.72 1.39 17.27
P PO4 C . 22.88 1.99 13.90
O1 PO4 C . 22.81 1.44 15.29
O2 PO4 C . 23.33 3.40 13.95
O3 PO4 C . 21.53 1.91 13.28
O4 PO4 C . 23.83 1.18 13.11
O1 P6G D . 5.48 8.43 -26.00
C2 P6G D . 4.34 9.26 -26.11
C3 P6G D . 4.66 10.76 -26.21
O4 P6G D . 3.43 11.56 -26.39
C5 P6G D . 3.46 12.86 -25.75
C6 P6G D . 2.04 13.05 -25.14
O7 P6G D . 2.26 13.22 -23.71
C8 P6G D . 1.57 12.28 -22.84
C9 P6G D . 2.43 12.06 -21.62
O10 P6G D . 1.54 12.11 -20.46
C11 P6G D . 2.32 12.03 -19.23
C12 P6G D . 1.64 12.60 -18.15
O13 P6G D . 1.51 13.99 -18.51
C14 P6G D . 1.46 14.85 -17.34
C15 P6G D . 0.03 15.26 -17.07
O16 P6G D . -0.25 15.65 -15.66
C17 P6G D . -1.10 14.78 -14.93
C18 P6G D . -0.18 13.66 -14.42
O19 P6G D . -0.39 13.54 -13.03
C1 CIU E . -25.12 -3.63 -11.74
C2 CIU E . -24.66 -2.71 -10.57
C3 CIU E . -23.32 -1.99 -10.89
C4 CIU E . -22.20 -3.03 -11.20
C5 CIU E . -22.60 -3.95 -12.40
C6 CIU E . -23.98 -4.66 -12.15
N1 CIU E . -22.94 -1.14 -9.75
C7 CIU E . -23.46 0.06 -9.47
O2 CIU E . -24.51 0.29 -10.06
N2 CIU E . -22.93 0.95 -8.65
C8 CIU E . -23.37 2.24 -8.27
I4 CIU E . -24.93 6.77 -6.95
C9 CIU E . -24.56 2.78 -8.78
C10 CIU E . -25.03 4.14 -8.37
C11 CIU E . -24.25 4.86 -7.49
C12 CIU E . -23.04 4.32 -6.97
C13 CIU E . -22.61 3.01 -7.36
#